data_4GGK
#
_entry.id   4GGK
#
_cell.length_a   38.859
_cell.length_b   38.859
_cell.length_c   213.310
_cell.angle_alpha   90.00
_cell.angle_beta   90.00
_cell.angle_gamma   90.00
#
_symmetry.space_group_name_H-M   'P 43 21 2'
#
loop_
_entity.id
_entity.type
_entity.pdbx_description
1 polymer 'Mitochondrial cardiolipin hydrolase'
2 non-polymer 'ZINC ION'
3 non-polymer TUNGSTATE(VI)ION
4 water water
#
_entity_poly.entity_id   1
_entity_poly.type   'polypeptide(L)'
_entity_poly.pdbx_seq_one_letter_code
;MLAGRRPRREVLFFPSQVTCTEALLQAPGLPPGPSGCPCSLPHSESSLSRLLRALLAARSSLELCLFAFSSPQLGRAVQL
LHQRGVRVRVITDCDYMALNGSQIGLLRKAGIQVRHDQDLGYMHHKFAIVDKKVLITGSLNWTTQAIQNNRENVLIMEDT
EYVRLFLEEFERIWEEFDPTKYSFFPQKHRGHLVPR
;
_entity_poly.pdbx_strand_id   A
#
# COMPACT_ATOMS: atom_id res chain seq x y z
N PRO A 7 0.25 -16.92 -13.01
CA PRO A 7 -0.82 -17.10 -12.02
C PRO A 7 -0.29 -16.96 -10.59
N ARG A 8 0.05 -15.71 -10.26
CA ARG A 8 0.72 -15.29 -9.03
C ARG A 8 0.11 -15.78 -7.68
N ARG A 9 0.92 -16.49 -6.87
CA ARG A 9 0.59 -16.74 -5.45
C ARG A 9 1.81 -16.79 -4.55
N GLU A 10 2.12 -15.65 -3.94
CA GLU A 10 3.34 -15.44 -3.19
C GLU A 10 3.06 -14.99 -1.75
N VAL A 11 4.05 -15.14 -0.89
CA VAL A 11 3.99 -14.60 0.46
C VAL A 11 5.37 -13.99 0.78
N LEU A 12 5.31 -12.82 1.39
CA LEU A 12 6.47 -12.07 1.81
C LEU A 12 6.46 -12.13 3.32
N PHE A 13 7.57 -12.52 3.93
CA PHE A 13 7.67 -12.48 5.38
C PHE A 13 8.55 -11.34 5.83
N PHE A 14 8.17 -10.76 6.98
CA PHE A 14 8.88 -9.64 7.60
C PHE A 14 9.39 -10.04 8.97
N PRO A 15 10.42 -9.35 9.52
CA PRO A 15 11.05 -8.09 9.09
C PRO A 15 11.74 -8.14 7.74
N SER A 16 11.67 -7.04 6.99
CA SER A 16 12.42 -6.92 5.73
C SER A 16 13.91 -6.66 5.98
N GLN A 17 14.75 -7.32 5.20
CA GLN A 17 16.10 -6.88 4.96
C GLN A 17 16.11 -5.40 4.50
N VAL A 18 17.03 -4.61 5.04
CA VAL A 18 17.16 -3.21 4.64
C VAL A 18 17.91 -3.20 3.30
N THR A 19 17.24 -2.83 2.20
CA THR A 19 17.91 -2.76 0.90
C THR A 19 17.61 -1.45 0.22
N CYS A 20 18.48 -1.05 -0.70
CA CYS A 20 18.31 0.20 -1.45
C CYS A 20 17.12 0.15 -2.42
N THR A 21 16.32 1.22 -2.40
CA THR A 21 15.18 1.35 -3.30
C THR A 21 15.16 2.70 -4.05
N GLU A 22 16.31 3.36 -4.15
CA GLU A 22 16.38 4.66 -4.83
C GLU A 22 15.96 4.55 -6.29
N ALA A 23 16.54 3.58 -7.01
CA ALA A 23 16.22 3.39 -8.43
C ALA A 23 14.74 3.09 -8.63
N LEU A 24 14.25 2.08 -7.92
CA LEU A 24 12.85 1.69 -7.92
C LEU A 24 11.85 2.82 -7.64
N LEU A 25 12.23 3.77 -6.78
CA LEU A 25 11.35 4.87 -6.40
C LEU A 25 11.71 6.18 -7.13
N GLN A 26 12.45 6.04 -8.22
CA GLN A 26 12.87 7.16 -9.07
C GLN A 26 13.40 8.34 -8.26
N ALA A 27 14.33 8.07 -7.34
CA ALA A 27 15.01 9.17 -6.64
C ALA A 27 15.46 10.19 -7.68
N PRO A 28 15.16 11.48 -7.45
CA PRO A 28 15.55 12.48 -8.45
C PRO A 28 17.06 12.60 -8.65
N GLY A 29 17.52 12.42 -9.90
CA GLY A 29 18.94 12.65 -10.26
C GLY A 29 19.86 11.45 -10.01
N CYS A 37 24.72 2.47 -7.76
CA CYS A 37 24.36 3.58 -6.89
C CYS A 37 25.40 3.74 -5.78
N PRO A 38 25.73 5.01 -5.43
CA PRO A 38 26.79 5.28 -4.47
C PRO A 38 26.50 4.93 -3.00
N CYS A 39 25.23 4.69 -2.66
CA CYS A 39 24.86 4.39 -1.28
C CYS A 39 25.43 3.05 -0.81
N SER A 40 25.31 2.81 0.49
CA SER A 40 26.02 1.73 1.17
C SER A 40 25.15 0.54 1.49
N LEU A 41 23.88 0.58 1.08
CA LEU A 41 22.97 -0.54 1.31
C LEU A 41 23.18 -1.65 0.28
N PRO A 42 22.69 -2.86 0.59
CA PRO A 42 22.65 -3.96 -0.38
C PRO A 42 21.71 -3.60 -1.51
N HIS A 43 22.11 -3.84 -2.76
CA HIS A 43 21.23 -3.55 -3.90
C HIS A 43 20.57 -4.80 -4.46
N SER A 44 19.91 -5.54 -3.56
CA SER A 44 19.23 -6.77 -3.88
C SER A 44 17.80 -6.65 -3.45
N GLU A 45 17.01 -7.69 -3.73
CA GLU A 45 15.57 -7.70 -3.42
C GLU A 45 15.28 -8.02 -1.95
N SER A 46 14.26 -7.36 -1.40
CA SER A 46 13.76 -7.63 -0.06
C SER A 46 12.25 -7.75 -0.06
N SER A 47 11.70 -8.10 1.10
CA SER A 47 10.24 -8.15 1.20
C SER A 47 9.62 -6.80 0.87
N LEU A 48 10.24 -5.71 1.34
CA LEU A 48 9.77 -4.37 1.01
C LEU A 48 9.88 -4.12 -0.49
N SER A 49 11.03 -4.41 -1.11
CA SER A 49 11.21 -4.15 -2.52
C SER A 49 10.18 -4.94 -3.36
N ARG A 50 9.92 -6.18 -2.98
CA ARG A 50 8.88 -7.00 -3.63
C ARG A 50 7.49 -6.42 -3.44
N LEU A 51 7.17 -5.95 -2.23
CA LEU A 51 5.93 -5.27 -2.05
C LEU A 51 5.83 -3.99 -2.91
N LEU A 52 6.92 -3.20 -2.95
CA LEU A 52 6.95 -2.00 -3.78
C LEU A 52 6.72 -2.33 -5.26
N ARG A 53 7.39 -3.36 -5.76
CA ARG A 53 7.25 -3.75 -7.15
C ARG A 53 5.81 -4.20 -7.47
N ALA A 54 5.22 -4.98 -6.55
CA ALA A 54 3.85 -5.42 -6.73
C ALA A 54 2.93 -4.22 -6.90
N LEU A 55 3.16 -3.18 -6.11
CA LEU A 55 2.30 -2.00 -6.16
C LEU A 55 2.57 -1.23 -7.45
N LEU A 56 3.86 -1.06 -7.77
CA LEU A 56 4.27 -0.32 -8.96
C LEU A 56 3.92 -0.99 -10.30
N ALA A 57 3.47 -2.24 -10.30
CA ALA A 57 3.04 -2.88 -11.57
C ALA A 57 1.63 -2.43 -11.98
N ALA A 58 0.95 -1.68 -11.11
CA ALA A 58 -0.37 -1.14 -11.41
C ALA A 58 -0.35 -0.21 -12.61
N ARG A 59 -1.24 -0.46 -13.57
CA ARG A 59 -1.37 0.37 -14.75
C ARG A 59 -2.70 1.10 -14.82
N SER A 60 -3.65 0.83 -13.93
CA SER A 60 -4.94 1.52 -14.02
C SER A 60 -5.65 1.83 -12.71
N SER A 61 -5.65 0.92 -11.74
CA SER A 61 -6.31 1.20 -10.49
C SER A 61 -5.59 0.59 -9.29
N LEU A 62 -5.79 1.24 -8.15
CA LEU A 62 -5.30 0.75 -6.85
C LEU A 62 -6.29 1.14 -5.76
N GLU A 63 -6.84 0.14 -5.09
CA GLU A 63 -7.61 0.37 -3.89
C GLU A 63 -6.69 0.03 -2.74
N LEU A 64 -6.69 0.87 -1.70
CA LEU A 64 -5.89 0.66 -0.50
C LEU A 64 -6.82 0.72 0.69
N CYS A 65 -6.77 -0.32 1.51
CA CYS A 65 -7.62 -0.42 2.70
C CYS A 65 -6.75 -0.76 3.88
N LEU A 66 -6.29 0.27 4.58
CA LEU A 66 -5.19 0.12 5.55
C LEU A 66 -5.47 0.75 6.92
N PHE A 67 -5.37 -0.05 7.98
CA PHE A 67 -5.45 0.43 9.33
C PHE A 67 -4.50 1.64 9.56
N ALA A 68 -3.25 1.50 9.14
CA ALA A 68 -2.24 2.55 9.27
C ALA A 68 -1.23 2.57 8.10
N PHE A 69 -0.83 3.78 7.73
CA PHE A 69 0.03 4.01 6.57
C PHE A 69 0.94 5.21 6.86
N SER A 70 2.19 4.95 7.28
CA SER A 70 3.17 6.03 7.53
C SER A 70 4.51 5.81 6.82
N SER A 71 4.69 4.67 6.14
CA SER A 71 5.96 4.36 5.44
C SER A 71 6.23 5.37 4.30
N PRO A 72 7.34 6.15 4.39
CA PRO A 72 7.63 7.04 3.28
C PRO A 72 7.97 6.31 1.96
N GLN A 73 8.53 5.11 2.01
CA GLN A 73 8.79 4.38 0.77
C GLN A 73 7.49 3.93 0.09
N LEU A 74 6.54 3.44 0.87
CA LEU A 74 5.24 3.02 0.31
C LEU A 74 4.37 4.24 -0.09
N GLY A 75 4.51 5.33 0.66
CA GLY A 75 3.83 6.61 0.34
C GLY A 75 4.25 7.17 -1.00
N ARG A 76 5.56 7.10 -1.27
CA ARG A 76 6.15 7.55 -2.52
C ARG A 76 5.70 6.71 -3.72
N ALA A 77 5.66 5.39 -3.54
CA ALA A 77 5.18 4.50 -4.61
C ALA A 77 3.74 4.83 -4.99
N VAL A 78 2.91 5.12 -4.00
CA VAL A 78 1.51 5.41 -4.26
C VAL A 78 1.38 6.76 -4.98
N GLN A 79 2.23 7.72 -4.62
CA GLN A 79 2.29 9.01 -5.28
C GLN A 79 2.63 8.82 -6.74
N LEU A 80 3.64 7.97 -6.98
CA LEU A 80 4.14 7.76 -8.32
C LEU A 80 3.00 7.17 -9.15
N LEU A 81 2.21 6.30 -8.56
CA LEU A 81 1.11 5.71 -9.29
C LEU A 81 0.06 6.77 -9.65
N HIS A 82 -0.21 7.66 -8.70
CA HIS A 82 -1.18 8.72 -8.92
C HIS A 82 -0.70 9.61 -10.06
N GLN A 83 0.60 9.94 -10.06
CA GLN A 83 1.24 10.72 -11.14
C GLN A 83 1.20 10.01 -12.50
N ARG A 84 1.27 8.69 -12.48
CA ARG A 84 1.15 7.90 -13.71
C ARG A 84 -0.27 7.83 -14.27
N GLY A 85 -1.23 8.30 -13.50
CA GLY A 85 -2.64 8.26 -13.89
C GLY A 85 -3.35 7.03 -13.41
N VAL A 86 -2.76 6.31 -12.45
CA VAL A 86 -3.50 5.23 -11.82
C VAL A 86 -4.59 5.85 -10.93
N ARG A 87 -5.81 5.33 -11.05
CA ARG A 87 -6.93 5.71 -10.18
C ARG A 87 -6.74 5.15 -8.76
N VAL A 88 -6.30 6.02 -7.84
CA VAL A 88 -5.97 5.63 -6.48
C VAL A 88 -7.08 6.02 -5.49
N ARG A 89 -7.51 5.06 -4.69
CA ARG A 89 -8.51 5.30 -3.64
C ARG A 89 -8.06 4.61 -2.37
N VAL A 90 -8.10 5.36 -1.28
CA VAL A 90 -7.48 5.00 -0.02
C VAL A 90 -8.47 5.06 1.11
N ILE A 91 -8.59 3.95 1.83
CA ILE A 91 -9.33 3.93 3.09
C ILE A 91 -8.36 3.66 4.23
N THR A 92 -8.40 4.48 5.29
CA THR A 92 -7.61 4.26 6.51
C THR A 92 -8.45 4.40 7.78
N ASP A 93 -7.90 3.96 8.91
CA ASP A 93 -8.65 4.03 10.19
C ASP A 93 -8.67 5.42 10.76
N CYS A 94 -7.54 6.10 10.69
CA CYS A 94 -7.44 7.40 11.32
C CYS A 94 -7.36 8.46 10.25
N ASP A 95 -7.87 9.66 10.56
CA ASP A 95 -7.86 10.75 9.59
C ASP A 95 -6.46 11.39 9.43
N TYR A 96 -5.57 11.16 10.42
CA TYR A 96 -4.18 11.64 10.40
C TYR A 96 -3.98 13.17 10.53
N MET A 97 -5.07 13.92 10.73
CA MET A 97 -5.04 15.41 10.62
C MET A 97 -4.40 16.03 11.86
N GLY A 101 3.48 16.45 8.55
CA GLY A 101 3.33 15.83 7.24
C GLY A 101 3.33 14.30 7.20
N SER A 102 2.24 13.70 7.71
CA SER A 102 2.01 12.24 7.59
C SER A 102 1.86 11.87 6.13
N GLN A 103 1.86 10.58 5.82
CA GLN A 103 1.77 10.11 4.42
C GLN A 103 0.36 10.30 3.88
N ILE A 104 -0.63 10.05 4.72
CA ILE A 104 -2.01 10.22 4.29
C ILE A 104 -2.24 11.67 3.96
N GLY A 105 -1.72 12.56 4.80
CA GLY A 105 -1.75 14.01 4.53
C GLY A 105 -1.10 14.42 3.21
N LEU A 106 0.08 13.87 2.93
CA LEU A 106 0.79 14.11 1.66
C LEU A 106 0.00 13.57 0.46
N LEU A 107 -0.55 12.37 0.59
CA LEU A 107 -1.35 11.79 -0.49
C LEU A 107 -2.58 12.65 -0.78
N ARG A 108 -3.20 13.10 0.29
CA ARG A 108 -4.42 13.91 0.23
C ARG A 108 -4.13 15.25 -0.43
N LYS A 109 -2.98 15.83 -0.13
CA LYS A 109 -2.60 17.10 -0.73
C LYS A 109 -2.33 16.96 -2.24
N ALA A 110 -1.92 15.77 -2.67
CA ALA A 110 -1.67 15.49 -4.08
C ALA A 110 -2.96 15.19 -4.90
N GLY A 111 -4.11 15.13 -4.24
CA GLY A 111 -5.40 14.98 -4.93
C GLY A 111 -6.01 13.60 -4.82
N ILE A 112 -5.26 12.68 -4.22
CA ILE A 112 -5.75 11.31 -4.01
C ILE A 112 -6.92 11.36 -3.01
N GLN A 113 -8.04 10.75 -3.39
CA GLN A 113 -9.20 10.62 -2.50
C GLN A 113 -8.91 9.66 -1.32
N VAL A 114 -9.00 10.18 -0.10
CA VAL A 114 -8.86 9.36 1.09
C VAL A 114 -10.13 9.48 1.92
N ARG A 115 -10.68 8.34 2.34
CA ARG A 115 -11.84 8.30 3.23
C ARG A 115 -11.45 7.47 4.47
N HIS A 116 -12.22 7.57 5.57
CA HIS A 116 -11.67 7.09 6.84
C HIS A 116 -12.65 6.78 7.98
N ASP A 117 -12.12 6.07 8.99
CA ASP A 117 -12.82 5.61 10.21
C ASP A 117 -12.65 6.62 11.38
N GLN A 118 -13.08 6.22 12.59
CA GLN A 118 -13.13 7.12 13.75
C GLN A 118 -11.81 7.13 14.59
N ASP A 119 -10.69 6.74 13.97
CA ASP A 119 -9.42 6.48 14.68
C ASP A 119 -9.62 5.70 16.03
N LEU A 120 -10.61 4.79 16.06
CA LEU A 120 -10.94 4.00 17.27
C LEU A 120 -10.46 2.55 17.17
N GLY A 121 -9.83 2.20 16.05
CA GLY A 121 -9.38 0.82 15.82
C GLY A 121 -10.27 0.01 14.88
N TYR A 122 -11.48 0.52 14.59
CA TYR A 122 -12.48 -0.27 13.87
C TYR A 122 -12.08 -0.69 12.45
N MET A 123 -11.37 0.13 11.68
CA MET A 123 -11.06 -0.23 10.29
C MET A 123 -9.67 -0.84 10.25
N HIS A 124 -9.63 -2.16 10.37
CA HIS A 124 -8.41 -2.88 10.74
C HIS A 124 -7.79 -3.74 9.57
N HIS A 125 -8.43 -3.74 8.41
CA HIS A 125 -7.83 -4.35 7.21
C HIS A 125 -6.42 -3.82 6.90
N LYS A 126 -5.60 -4.66 6.24
CA LYS A 126 -4.35 -4.24 5.64
C LYS A 126 -4.19 -4.82 4.23
N PHE A 127 -4.99 -4.34 3.29
CA PHE A 127 -4.97 -4.88 1.95
C PHE A 127 -4.99 -3.81 0.88
N ALA A 128 -4.60 -4.24 -0.32
CA ALA A 128 -4.55 -3.42 -1.50
C ALA A 128 -4.94 -4.30 -2.71
N ILE A 129 -5.61 -3.70 -3.69
CA ILE A 129 -6.07 -4.41 -4.90
C ILE A 129 -5.46 -3.68 -6.13
N VAL A 130 -4.64 -4.38 -6.89
CA VAL A 130 -3.97 -3.79 -8.06
C VAL A 130 -4.73 -4.14 -9.34
N ASP A 131 -5.15 -3.10 -10.07
CA ASP A 131 -5.78 -3.26 -11.40
C ASP A 131 -6.92 -4.26 -11.40
N LYS A 132 -7.63 -4.33 -10.28
CA LYS A 132 -8.74 -5.24 -10.14
C LYS A 132 -8.33 -6.67 -10.49
N LYS A 133 -7.05 -7.02 -10.33
CA LYS A 133 -6.61 -8.39 -10.62
C LYS A 133 -5.68 -9.02 -9.57
N VAL A 134 -4.92 -8.24 -8.82
CA VAL A 134 -3.97 -8.80 -7.84
C VAL A 134 -4.35 -8.30 -6.46
N LEU A 135 -4.52 -9.24 -5.52
CA LEU A 135 -4.77 -8.92 -4.10
C LEU A 135 -3.50 -8.98 -3.29
N ILE A 136 -3.22 -7.90 -2.56
CA ILE A 136 -2.10 -7.83 -1.64
C ILE A 136 -2.71 -7.70 -0.25
N THR A 137 -2.54 -8.70 0.60
CA THR A 137 -3.18 -8.60 1.93
C THR A 137 -2.33 -9.27 2.97
N GLY A 138 -2.29 -8.68 4.15
CA GLY A 138 -1.41 -9.15 5.21
C GLY A 138 -1.79 -8.79 6.65
N SER A 139 -0.89 -9.18 7.55
CA SER A 139 -0.96 -8.75 8.91
C SER A 139 -0.31 -7.36 9.04
N LEU A 140 0.48 -6.98 8.01
CA LEU A 140 1.38 -5.81 8.06
C LEU A 140 0.72 -4.43 7.93
N ASN A 141 0.82 -3.61 8.97
CA ASN A 141 0.52 -2.19 8.89
C ASN A 141 1.69 -1.52 8.17
N TRP A 142 1.41 -0.51 7.33
CA TRP A 142 2.44 0.02 6.43
C TRP A 142 3.20 1.17 7.07
N THR A 143 4.05 0.79 8.00
CA THR A 143 4.85 1.68 8.81
C THR A 143 6.28 1.16 8.77
N THR A 144 7.25 2.05 8.81
CA THR A 144 8.66 1.64 8.78
C THR A 144 8.98 0.80 10.02
N GLN A 145 8.44 1.18 11.17
CA GLN A 145 8.58 0.39 12.38
C GLN A 145 8.26 -1.08 12.12
N ALA A 146 7.07 -1.35 11.59
CA ALA A 146 6.60 -2.73 11.44
C ALA A 146 7.36 -3.48 10.36
N ILE A 147 7.60 -2.81 9.25
CA ILE A 147 8.37 -3.39 8.15
C ILE A 147 9.77 -3.83 8.56
N GLN A 148 10.44 -3.04 9.37
CA GLN A 148 11.82 -3.31 9.69
C GLN A 148 12.01 -4.18 10.92
N ASN A 149 10.99 -4.26 11.78
CA ASN A 149 11.12 -4.91 13.09
C ASN A 149 10.11 -6.02 13.43
N ASN A 150 8.93 -6.02 12.83
CA ASN A 150 7.91 -7.01 13.18
C ASN A 150 7.90 -8.25 12.32
N ARG A 151 7.57 -9.38 12.93
CA ARG A 151 7.19 -10.58 12.20
C ARG A 151 5.80 -10.40 11.63
N GLU A 152 5.72 -10.39 10.30
CA GLU A 152 4.49 -10.16 9.55
C GLU A 152 4.46 -11.02 8.28
N ASN A 153 3.27 -11.19 7.73
CA ASN A 153 3.10 -11.83 6.44
C ASN A 153 2.31 -10.87 5.57
N VAL A 154 2.65 -10.90 4.28
CA VAL A 154 1.86 -10.26 3.21
C VAL A 154 1.68 -11.28 2.06
N LEU A 155 0.43 -11.54 1.68
CA LEU A 155 0.14 -12.42 0.55
C LEU A 155 -0.07 -11.56 -0.69
N ILE A 156 0.41 -12.05 -1.83
CA ILE A 156 0.20 -11.35 -3.12
C ILE A 156 -0.40 -12.40 -4.05
N MET A 157 -1.68 -12.21 -4.36
CA MET A 157 -2.49 -13.24 -5.03
C MET A 157 -3.26 -12.68 -6.20
N GLU A 158 -3.03 -13.30 -7.35
CA GLU A 158 -3.83 -13.07 -8.53
C GLU A 158 -4.91 -14.16 -8.58
N ASP A 159 -6.00 -13.91 -7.86
CA ASP A 159 -7.04 -14.89 -7.63
C ASP A 159 -8.34 -14.14 -7.82
N THR A 160 -9.14 -14.58 -8.78
CA THR A 160 -10.33 -13.85 -9.20
C THR A 160 -11.43 -13.81 -8.15
N GLU A 161 -11.58 -14.89 -7.38
CA GLU A 161 -12.64 -14.89 -6.38
C GLU A 161 -12.24 -14.03 -5.20
N TYR A 162 -11.01 -14.14 -4.74
CA TYR A 162 -10.53 -13.30 -3.65
C TYR A 162 -10.56 -11.83 -4.03
N VAL A 163 -10.02 -11.51 -5.20
CA VAL A 163 -10.13 -10.15 -5.71
C VAL A 163 -11.59 -9.66 -5.77
N ARG A 164 -12.49 -10.49 -6.27
CA ARG A 164 -13.88 -10.06 -6.39
C ARG A 164 -14.46 -9.75 -5.01
N LEU A 165 -14.19 -10.63 -4.05
CA LEU A 165 -14.83 -10.53 -2.74
C LEU A 165 -14.21 -9.34 -1.96
N PHE A 166 -12.91 -9.19 -2.06
CA PHE A 166 -12.22 -8.05 -1.42
C PHE A 166 -12.61 -6.73 -2.08
N LEU A 167 -12.79 -6.73 -3.39
CA LEU A 167 -13.27 -5.51 -4.08
C LEU A 167 -14.68 -5.15 -3.61
N GLU A 168 -15.57 -6.13 -3.52
CA GLU A 168 -16.92 -5.87 -2.99
C GLU A 168 -16.87 -5.27 -1.57
N GLU A 169 -15.99 -5.80 -0.72
CA GLU A 169 -15.85 -5.27 0.65
C GLU A 169 -15.33 -3.84 0.58
N PHE A 170 -14.33 -3.60 -0.24
CA PHE A 170 -13.84 -2.22 -0.42
C PHE A 170 -14.96 -1.23 -0.75
N GLU A 171 -15.75 -1.57 -1.76
CA GLU A 171 -16.72 -0.66 -2.33
C GLU A 171 -17.85 -0.36 -1.32
N ARG A 172 -18.19 -1.32 -0.45
CA ARG A 172 -19.18 -1.13 0.66
C ARG A 172 -18.64 -0.12 1.68
N ILE A 173 -17.40 -0.34 2.12
CA ILE A 173 -16.76 0.59 3.04
C ILE A 173 -16.59 1.97 2.40
N TRP A 174 -16.18 2.00 1.13
CA TRP A 174 -16.00 3.26 0.38
C TRP A 174 -17.24 4.12 0.40
N GLU A 175 -18.36 3.50 0.01
CA GLU A 175 -19.64 4.18 -0.06
C GLU A 175 -20.11 4.59 1.33
N GLU A 176 -19.82 3.77 2.33
CA GLU A 176 -20.19 4.07 3.70
C GLU A 176 -19.46 5.31 4.26
N PHE A 177 -18.19 5.48 3.91
CA PHE A 177 -17.41 6.62 4.39
C PHE A 177 -17.45 7.82 3.43
N ASP A 178 -18.41 7.84 2.52
CA ASP A 178 -18.61 8.98 1.58
C ASP A 178 -18.96 10.24 2.38
N PRO A 179 -18.11 11.29 2.30
CA PRO A 179 -18.33 12.53 3.04
C PRO A 179 -19.62 13.26 2.72
N THR A 180 -20.08 13.18 1.48
CA THR A 180 -21.13 14.04 0.96
C THR A 180 -22.54 13.52 1.26
#